data_9K2U
#
_entry.id   9K2U
#
_cell.length_a   78.138
_cell.length_b   100.555
_cell.length_c   113.744
_cell.angle_alpha   90.000
_cell.angle_beta   90.000
_cell.angle_gamma   90.000
#
_symmetry.space_group_name_H-M   'I 2 2 2'
#
loop_
_entity.id
_entity.type
_entity.pdbx_description
1 polymer 'MHC class I antigen'
2 polymer Beta-2-microglobulin
3 polymer 'peptide from p51 RT'
4 water water
#
loop_
_entity_poly.entity_id
_entity_poly.type
_entity_poly.pdbx_seq_one_letter_code
_entity_poly.pdbx_strand_id
1 'polypeptide(L)'
;SHSMRYFYTAVSRPGRGEPRFIAVGYVDDTQFVRFDSDAASPRGEPRAPWVEQEGPEYWDRETQKYKRQAQADRVSLRNL
RGYYNQSEAGSHTLQRMYGCDLGPDGRLLRGYDQSAYDGKDYIALNEDLRSWTAADTAAQITQRKWEAAREAEQWRAYLE
GTCVEWLRRYLENGKETLQRAEHPKTHVTHHPVSDHEATLRCWALGFYPAEITLTWQRDGEDQTQDTELVETRPAGDGTF
QKWAAVVVPSGEEQRYTCHVQHEGLPEPLTLRWEP
;
A
2 'polypeptide(L)'
;MIQRTPKIQVYSRHPAENGKSNFLNCYVSGFHPSDIEVDLLKNGERIEKVEHSDLSFSKDWSFYLLYYTEFTPTEKDEYA
CRVNHVTLSQPKIVKWDRDM
;
B
3 'polypeptide(L)' ILKEPVHGAYY C
#
# COMPACT_ATOMS: atom_id res chain seq x y z
N SER A 1 -3.17 16.82 4.95
CA SER A 1 -2.12 16.90 5.98
C SER A 1 -2.22 15.84 7.04
N HIS A 2 -3.43 15.34 7.23
CA HIS A 2 -3.68 14.18 8.07
C HIS A 2 -4.92 13.49 7.54
N SER A 3 -4.88 12.16 7.48
CA SER A 3 -5.97 11.45 6.83
C SER A 3 -6.20 10.10 7.51
N MET A 4 -7.46 9.70 7.58
CA MET A 4 -7.83 8.34 7.94
C MET A 4 -8.46 7.71 6.70
N ARG A 5 -7.96 6.55 6.31
CA ARG A 5 -8.40 5.90 5.08
C ARG A 5 -8.67 4.42 5.35
N TYR A 6 -9.75 3.92 4.76
CA TYR A 6 -10.11 2.51 4.83
C TYR A 6 -10.06 1.90 3.44
N PHE A 7 -9.60 0.66 3.35
CA PHE A 7 -9.45 -0.05 2.09
C PHE A 7 -10.16 -1.39 2.20
N TYR A 8 -11.15 -1.62 1.34
CA TYR A 8 -11.85 -2.90 1.26
C TYR A 8 -11.41 -3.64 0.01
N THR A 9 -11.25 -4.96 0.13
CA THR A 9 -11.05 -5.81 -1.04
C THR A 9 -11.89 -7.06 -0.85
N ALA A 10 -12.84 -7.28 -1.76
CA ALA A 10 -13.68 -8.47 -1.76
C ALA A 10 -13.44 -9.21 -3.07
N VAL A 11 -13.05 -10.49 -2.96
CA VAL A 11 -12.68 -11.29 -4.11
C VAL A 11 -13.53 -12.56 -4.10
N SER A 12 -14.32 -12.74 -5.15
CA SER A 12 -15.11 -13.96 -5.27
C SER A 12 -14.21 -15.16 -5.58
N ARG A 13 -14.61 -16.33 -5.06
CA ARG A 13 -13.84 -17.56 -5.19
C ARG A 13 -14.75 -18.65 -5.73
N PRO A 14 -14.83 -18.82 -7.05
CA PRO A 14 -15.75 -19.81 -7.63
C PRO A 14 -15.42 -21.23 -7.18
N GLY A 15 -16.37 -21.86 -6.50
CA GLY A 15 -16.19 -23.22 -6.05
C GLY A 15 -15.13 -23.43 -4.99
N ARG A 16 -14.51 -22.36 -4.49
CA ARG A 16 -13.54 -22.44 -3.41
C ARG A 16 -14.05 -21.76 -2.15
N GLY A 17 -15.35 -21.83 -1.91
CA GLY A 17 -15.97 -21.15 -0.79
C GLY A 17 -16.61 -19.84 -1.19
N GLU A 18 -16.98 -19.07 -0.17
CA GLU A 18 -17.56 -17.76 -0.36
C GLU A 18 -16.45 -16.73 -0.58
N PRO A 19 -16.79 -15.53 -1.08
CA PRO A 19 -15.75 -14.52 -1.33
C PRO A 19 -14.97 -14.16 -0.08
N ARG A 20 -13.72 -13.74 -0.31
CA ARG A 20 -12.85 -13.28 0.76
C ARG A 20 -12.95 -11.77 0.89
N PHE A 21 -13.10 -11.28 2.12
CA PHE A 21 -13.19 -9.85 2.40
C PHE A 21 -12.05 -9.46 3.31
N ILE A 22 -11.21 -8.53 2.87
CA ILE A 22 -10.08 -8.04 3.63
C ILE A 22 -10.19 -6.52 3.71
N ALA A 23 -10.14 -6.00 4.94
CA ALA A 23 -10.25 -4.56 5.17
C ALA A 23 -9.08 -4.09 6.04
N VAL A 24 -8.50 -2.96 5.68
CA VAL A 24 -7.42 -2.35 6.45
C VAL A 24 -7.72 -0.87 6.63
N GLY A 25 -7.30 -0.32 7.76
CA GLY A 25 -7.49 1.08 8.05
C GLY A 25 -6.18 1.76 8.39
N TYR A 26 -6.00 2.95 7.82
CA TYR A 26 -4.77 3.71 7.99
C TYR A 26 -5.06 5.09 8.55
N VAL A 27 -4.13 5.59 9.36
CA VAL A 27 -3.99 7.02 9.62
C VAL A 27 -2.69 7.45 8.96
N ASP A 28 -2.79 8.33 7.97
CA ASP A 28 -1.66 8.65 7.10
C ASP A 28 -1.08 7.38 6.51
N ASP A 29 0.17 7.06 6.84
CA ASP A 29 0.82 5.85 6.35
C ASP A 29 1.00 4.81 7.45
N THR A 30 0.21 4.87 8.51
CA THR A 30 0.29 3.94 9.63
C THR A 30 -1.00 3.14 9.70
N GLN A 31 -0.91 1.83 9.46
CA GLN A 31 -2.07 0.96 9.59
C GLN A 31 -2.38 0.73 11.08
N PHE A 32 -3.67 0.77 11.41
CA PHE A 32 -4.10 0.59 12.79
C PHE A 32 -5.13 -0.52 12.99
N VAL A 33 -5.63 -1.14 11.92
CA VAL A 33 -6.65 -2.16 12.06
C VAL A 33 -6.65 -3.02 10.81
N ARG A 34 -7.08 -4.25 11.00
CA ARG A 34 -7.28 -5.14 9.84
C ARG A 34 -8.46 -6.05 10.14
N PHE A 35 -9.09 -6.58 9.12
CA PHE A 35 -10.10 -7.61 9.22
C PHE A 35 -9.96 -8.54 8.02
N ASP A 36 -9.91 -9.84 8.29
CA ASP A 36 -9.77 -10.85 7.24
C ASP A 36 -10.82 -11.91 7.47
N SER A 37 -11.72 -12.08 6.50
CA SER A 37 -12.78 -13.08 6.63
C SER A 37 -12.24 -14.50 6.63
N ASP A 38 -10.99 -14.70 6.20
CA ASP A 38 -10.36 -16.02 6.21
C ASP A 38 -9.61 -16.30 7.50
N ALA A 39 -9.57 -15.35 8.40
CA ALA A 39 -8.88 -15.63 9.67
C ALA A 39 -9.69 -16.61 10.50
N ALA A 40 -9.03 -17.33 11.39
CA ALA A 40 -9.81 -18.16 12.32
C ALA A 40 -10.45 -17.17 13.28
N SER A 41 -11.75 -17.25 13.46
CA SER A 41 -12.46 -16.22 14.29
C SER A 41 -12.18 -14.83 13.71
N PRO A 42 -12.76 -14.46 12.55
CA PRO A 42 -12.54 -13.10 12.05
C PRO A 42 -13.04 -12.05 13.03
N ARG A 43 -12.21 -11.03 13.24
CA ARG A 43 -12.58 -9.88 14.07
C ARG A 43 -11.65 -8.74 13.72
N GLY A 44 -12.05 -7.54 14.12
CA GLY A 44 -11.17 -6.39 13.98
C GLY A 44 -9.98 -6.51 14.91
N GLU A 45 -8.78 -6.37 14.35
CA GLU A 45 -7.56 -6.55 15.12
C GLU A 45 -6.72 -5.29 15.06
N PRO A 46 -6.25 -4.78 16.21
CA PRO A 46 -5.37 -3.61 16.18
C PRO A 46 -4.03 -3.96 15.57
N ARG A 47 -3.49 -2.97 14.84
CA ARG A 47 -2.17 -3.10 14.18
C ARG A 47 -1.29 -1.88 14.54
N ALA A 48 -1.81 -0.97 15.35
CA ALA A 48 -1.07 0.17 15.88
C ALA A 48 -1.31 0.24 17.37
N PRO A 49 -0.31 0.64 18.17
CA PRO A 49 -0.50 0.63 19.62
C PRO A 49 -1.53 1.63 20.11
N TRP A 50 -1.77 2.71 19.37
CA TRP A 50 -2.66 3.78 19.83
C TRP A 50 -4.13 3.50 19.58
N VAL A 51 -4.51 2.26 19.26
CA VAL A 51 -5.89 1.81 19.28
C VAL A 51 -6.10 0.61 20.18
N GLU A 52 -5.04 0.09 20.80
CA GLU A 52 -5.13 -1.09 21.64
C GLU A 52 -5.79 -0.82 22.98
N GLN A 53 -5.94 0.47 23.30
CA GLN A 53 -6.55 0.91 24.58
C GLN A 53 -8.00 1.39 24.45
N GLU A 54 -8.63 1.12 23.31
CA GLU A 54 -9.95 1.66 23.05
C GLU A 54 -11.06 0.91 23.77
N GLY A 55 -10.77 -0.29 24.28
CA GLY A 55 -11.74 -1.04 25.05
C GLY A 55 -12.41 -2.14 24.24
N PRO A 56 -12.90 -3.17 24.93
CA PRO A 56 -13.54 -4.28 24.21
C PRO A 56 -14.84 -3.89 23.54
N GLU A 57 -15.58 -2.92 24.07
CA GLU A 57 -16.82 -2.50 23.44
C GLU A 57 -16.56 -1.88 22.08
N TYR A 58 -15.53 -1.03 21.98
CA TYR A 58 -15.11 -0.47 20.71
C TYR A 58 -14.82 -1.58 19.69
N TRP A 59 -14.08 -2.60 20.12
CA TRP A 59 -13.59 -3.61 19.19
C TRP A 59 -14.68 -4.60 18.80
N ASP A 60 -15.56 -4.94 19.72
CA ASP A 60 -16.71 -5.78 19.36
C ASP A 60 -17.62 -5.05 18.39
N ARG A 61 -17.77 -3.73 18.56
CA ARG A 61 -18.59 -2.95 17.65
C ARG A 61 -17.95 -2.84 16.27
N GLU A 62 -16.63 -2.68 16.22
CA GLU A 62 -15.93 -2.67 14.94
C GLU A 62 -16.05 -4.03 14.26
N THR A 63 -15.82 -5.10 15.02
CA THR A 63 -15.89 -6.45 14.46
C THR A 63 -17.26 -6.72 13.83
N GLN A 64 -18.33 -6.31 14.53
CA GLN A 64 -19.68 -6.52 14.01
C GLN A 64 -19.89 -5.79 12.69
N LYS A 65 -19.37 -4.56 12.58
CA LYS A 65 -19.50 -3.82 11.33
C LYS A 65 -18.69 -4.47 10.20
N TYR A 66 -17.52 -5.03 10.54
CA TYR A 66 -16.72 -5.72 9.54
C TYR A 66 -17.45 -6.95 9.00
N LYS A 67 -18.08 -7.72 9.88
CA LYS A 67 -18.78 -8.92 9.45
C LYS A 67 -19.97 -8.59 8.57
N ARG A 68 -20.71 -7.53 8.92
CA ARG A 68 -21.82 -7.10 8.08
C ARG A 68 -21.31 -6.65 6.71
N GLN A 69 -20.24 -5.85 6.70
CA GLN A 69 -19.67 -5.39 5.43
C GLN A 69 -19.22 -6.56 4.59
N ALA A 70 -18.64 -7.59 5.21
CA ALA A 70 -18.28 -8.80 4.49
C ALA A 70 -19.50 -9.44 3.85
N GLN A 71 -20.57 -9.63 4.63
CA GLN A 71 -21.81 -10.20 4.09
C GLN A 71 -22.33 -9.37 2.92
N ALA A 72 -22.34 -8.04 3.06
CA ALA A 72 -22.89 -7.18 2.02
C ALA A 72 -22.10 -7.29 0.72
N ASP A 73 -20.76 -7.40 0.84
CA ASP A 73 -19.94 -7.50 -0.37
C ASP A 73 -20.18 -8.81 -1.12
N ARG A 74 -20.60 -9.86 -0.41
CA ARG A 74 -20.98 -11.10 -1.09
C ARG A 74 -22.16 -10.87 -2.02
N VAL A 75 -23.20 -10.21 -1.51
CA VAL A 75 -24.36 -9.89 -2.33
C VAL A 75 -23.96 -8.96 -3.47
N SER A 76 -23.12 -7.98 -3.18
CA SER A 76 -22.73 -7.00 -4.20
C SER A 76 -21.95 -7.66 -5.34
N LEU A 77 -21.06 -8.59 -5.02
CA LEU A 77 -20.29 -9.26 -6.06
C LEU A 77 -21.21 -10.05 -7.00
N ARG A 78 -22.17 -10.79 -6.44
CA ARG A 78 -23.12 -11.51 -7.27
C ARG A 78 -24.01 -10.54 -8.05
N ASN A 79 -24.42 -9.45 -7.42
CA ASN A 79 -25.16 -8.41 -8.14
C ASN A 79 -24.36 -7.88 -9.32
N LEU A 80 -23.06 -7.64 -9.10
CA LEU A 80 -22.22 -7.11 -10.18
C LEU A 80 -22.05 -8.13 -11.30
N ARG A 81 -21.95 -9.41 -10.93
CA ARG A 81 -21.86 -10.47 -11.96
C ARG A 81 -23.13 -10.43 -12.81
N GLY A 82 -24.28 -10.12 -12.20
CA GLY A 82 -25.51 -10.01 -12.95
C GLY A 82 -25.53 -8.83 -13.89
N TYR A 83 -25.05 -7.66 -13.42
CA TYR A 83 -25.04 -6.47 -14.27
C TYR A 83 -24.23 -6.72 -15.54
N TYR A 84 -23.05 -7.31 -15.40
CA TYR A 84 -22.13 -7.51 -16.52
C TYR A 84 -22.34 -8.85 -17.22
N ASN A 85 -23.35 -9.63 -16.81
CA ASN A 85 -23.66 -10.93 -17.42
C ASN A 85 -22.44 -11.85 -17.42
N GLN A 86 -21.75 -11.90 -16.29
CA GLN A 86 -20.50 -12.63 -16.18
C GLN A 86 -20.74 -14.04 -15.66
N SER A 87 -19.89 -14.97 -16.09
CA SER A 87 -19.99 -16.35 -15.66
C SER A 87 -19.69 -16.48 -14.17
N GLU A 88 -20.29 -17.49 -13.55
CA GLU A 88 -20.00 -17.79 -12.15
C GLU A 88 -18.68 -18.53 -11.97
N ALA A 89 -17.99 -18.82 -13.07
CA ALA A 89 -16.75 -19.60 -13.00
C ALA A 89 -15.51 -18.74 -12.77
N GLY A 90 -15.61 -17.43 -12.97
CA GLY A 90 -14.47 -16.55 -12.84
C GLY A 90 -14.47 -15.77 -11.53
N SER A 91 -13.28 -15.44 -11.06
CA SER A 91 -13.11 -14.63 -9.87
C SER A 91 -13.16 -13.14 -10.22
N HIS A 92 -13.76 -12.35 -9.34
CA HIS A 92 -13.89 -10.92 -9.56
C HIS A 92 -13.60 -10.19 -8.27
N THR A 93 -13.24 -8.91 -8.39
CA THR A 93 -12.72 -8.13 -7.27
C THR A 93 -13.52 -6.84 -7.12
N LEU A 94 -13.97 -6.59 -5.89
CA LEU A 94 -14.64 -5.35 -5.54
C LEU A 94 -13.76 -4.61 -4.53
N GLN A 95 -13.33 -3.40 -4.89
CA GLN A 95 -12.46 -2.60 -4.06
C GLN A 95 -13.17 -1.31 -3.67
N ARG A 96 -12.99 -0.90 -2.41
CA ARG A 96 -13.53 0.36 -1.92
C ARG A 96 -12.47 1.09 -1.11
N MET A 97 -12.35 2.39 -1.35
CA MET A 97 -11.48 3.26 -0.57
C MET A 97 -12.27 4.50 -0.18
N TYR A 98 -12.35 4.77 1.13
CA TYR A 98 -12.99 5.97 1.61
C TYR A 98 -12.18 6.53 2.78
N GLY A 99 -12.42 7.80 3.08
CA GLY A 99 -11.71 8.43 4.17
C GLY A 99 -11.91 9.93 4.14
N CYS A 100 -11.22 10.58 5.09
CA CYS A 100 -11.33 12.02 5.28
C CYS A 100 -9.94 12.61 5.43
N ASP A 101 -9.79 13.85 4.96
CA ASP A 101 -8.55 14.61 5.10
C ASP A 101 -8.77 15.79 6.04
N LEU A 102 -7.74 16.12 6.81
CA LEU A 102 -7.63 17.38 7.51
C LEU A 102 -6.48 18.17 6.89
N LEU A 108 -11.17 19.25 8.78
CA LEU A 108 -11.84 18.57 7.67
C LEU A 108 -11.71 19.27 6.32
N LEU A 109 -10.77 18.81 5.51
CA LEU A 109 -10.48 19.36 4.19
C LEU A 109 -11.33 18.76 3.08
N ARG A 110 -11.48 17.43 3.08
CA ARG A 110 -12.18 16.75 2.00
C ARG A 110 -12.43 15.30 2.38
N GLY A 111 -13.63 14.81 2.06
CA GLY A 111 -13.95 13.40 2.23
C GLY A 111 -14.10 12.73 0.88
N TYR A 112 -13.99 11.40 0.85
CA TYR A 112 -14.06 10.67 -0.41
C TYR A 112 -14.56 9.26 -0.15
N ASP A 113 -15.14 8.66 -1.20
CA ASP A 113 -15.58 7.27 -1.16
C ASP A 113 -15.73 6.82 -2.61
N GLN A 114 -14.83 5.95 -3.06
CA GLN A 114 -14.85 5.46 -4.43
C GLN A 114 -14.66 3.95 -4.45
N SER A 115 -15.20 3.33 -5.48
CA SER A 115 -15.18 1.88 -5.62
C SER A 115 -14.63 1.49 -6.99
N ALA A 116 -14.12 0.26 -7.07
CA ALA A 116 -13.61 -0.29 -8.31
C ALA A 116 -14.07 -1.72 -8.46
N TYR A 117 -14.38 -2.11 -9.69
CA TYR A 117 -14.75 -3.48 -10.02
C TYR A 117 -13.71 -4.02 -11.01
N ASP A 118 -13.02 -5.08 -10.61
CA ASP A 118 -12.01 -5.73 -11.45
C ASP A 118 -10.93 -4.73 -11.88
N GLY A 119 -10.55 -3.86 -10.95
CA GLY A 119 -9.45 -2.94 -11.15
C GLY A 119 -9.78 -1.66 -11.90
N LYS A 120 -11.05 -1.44 -12.26
CA LYS A 120 -11.46 -0.25 -12.99
C LYS A 120 -12.43 0.57 -12.15
N ASP A 121 -12.32 1.89 -12.25
CA ASP A 121 -13.26 2.80 -11.61
C ASP A 121 -14.69 2.36 -11.86
N TYR A 122 -15.47 2.26 -10.79
CA TYR A 122 -16.87 1.89 -10.87
C TYR A 122 -17.78 3.04 -10.47
N ILE A 123 -17.70 3.50 -9.23
CA ILE A 123 -18.51 4.61 -8.74
C ILE A 123 -17.72 5.35 -7.68
N ALA A 124 -17.96 6.66 -7.59
CA ALA A 124 -17.25 7.52 -6.65
C ALA A 124 -18.18 8.60 -6.13
N LEU A 125 -18.08 8.89 -4.84
CA LEU A 125 -18.80 10.01 -4.26
C LEU A 125 -18.16 11.31 -4.71
N ASN A 126 -18.98 12.26 -5.17
CA ASN A 126 -18.45 13.54 -5.62
C ASN A 126 -17.93 14.35 -4.44
N GLU A 127 -17.10 15.35 -4.75
CA GLU A 127 -16.48 16.15 -3.70
C GLU A 127 -17.51 16.88 -2.86
N ASP A 128 -18.66 17.22 -3.43
CA ASP A 128 -19.71 17.89 -2.66
C ASP A 128 -20.38 16.96 -1.66
N LEU A 129 -20.13 15.65 -1.74
CA LEU A 129 -20.67 14.64 -0.85
C LEU A 129 -22.17 14.50 -0.95
N ARG A 130 -22.76 14.86 -2.09
CA ARG A 130 -24.20 14.78 -2.28
C ARG A 130 -24.62 14.04 -3.54
N SER A 131 -23.67 13.53 -4.34
CA SER A 131 -24.00 12.80 -5.56
C SER A 131 -22.81 11.94 -5.93
N TRP A 132 -23.00 11.13 -6.97
CA TRP A 132 -21.99 10.16 -7.38
C TRP A 132 -21.68 10.31 -8.87
N THR A 133 -20.51 9.78 -9.25
CA THR A 133 -20.09 9.67 -10.63
C THR A 133 -20.04 8.18 -10.98
N ALA A 134 -20.95 7.74 -11.84
CA ALA A 134 -20.99 6.35 -12.29
C ALA A 134 -20.12 6.20 -13.53
N ALA A 135 -19.24 5.20 -13.53
CA ALA A 135 -18.29 5.03 -14.62
C ALA A 135 -18.90 4.37 -15.85
N ASP A 136 -19.97 3.60 -15.70
CA ASP A 136 -20.62 2.95 -16.83
C ASP A 136 -22.10 2.80 -16.53
N THR A 137 -22.82 2.14 -17.45
CA THR A 137 -24.25 1.94 -17.28
C THR A 137 -24.55 0.98 -16.12
N ALA A 138 -23.60 0.08 -15.81
CA ALA A 138 -23.79 -0.81 -14.67
C ALA A 138 -23.76 -0.05 -13.36
N ALA A 139 -22.80 0.87 -13.22
CA ALA A 139 -22.70 1.64 -11.99
C ALA A 139 -23.88 2.57 -11.80
N GLN A 140 -24.54 2.95 -12.90
CA GLN A 140 -25.76 3.75 -12.78
C GLN A 140 -26.85 2.99 -12.04
N ILE A 141 -26.89 1.66 -12.19
CA ILE A 141 -27.79 0.84 -11.38
C ILE A 141 -27.47 1.02 -9.90
N THR A 142 -26.19 0.87 -9.55
CA THR A 142 -25.76 1.11 -8.18
C THR A 142 -26.06 2.54 -7.75
N GLN A 143 -25.82 3.50 -8.64
CA GLN A 143 -26.13 4.90 -8.34
C GLN A 143 -27.61 5.08 -8.02
N ARG A 144 -28.49 4.52 -8.86
CA ARG A 144 -29.93 4.65 -8.63
C ARG A 144 -30.33 4.01 -7.30
N LYS A 145 -29.72 2.86 -6.97
CA LYS A 145 -29.97 2.23 -5.67
C LYS A 145 -29.62 3.17 -4.54
N TRP A 146 -28.39 3.70 -4.56
CA TRP A 146 -27.90 4.51 -3.45
C TRP A 146 -28.65 5.83 -3.34
N GLU A 147 -29.18 6.35 -4.46
CA GLU A 147 -29.99 7.55 -4.40
C GLU A 147 -31.34 7.26 -3.74
N ALA A 148 -31.98 6.16 -4.13
CA ALA A 148 -33.27 5.81 -3.54
C ALA A 148 -33.15 5.60 -2.04
N ALA A 149 -32.04 5.01 -1.59
CA ALA A 149 -31.76 4.85 -0.17
C ALA A 149 -31.11 6.08 0.44
N ARG A 150 -31.02 7.18 -0.32
CA ARG A 150 -30.46 8.44 0.15
C ARG A 150 -29.13 8.23 0.87
N GLU A 151 -28.24 7.48 0.22
CA GLU A 151 -27.00 7.07 0.87
C GLU A 151 -25.98 8.19 0.94
N ALA A 152 -26.16 9.27 0.18
CA ALA A 152 -25.18 10.36 0.18
C ALA A 152 -25.14 11.09 1.51
N GLU A 153 -26.27 11.14 2.22
CA GLU A 153 -26.30 11.85 3.49
C GLU A 153 -25.61 11.05 4.60
N GLN A 154 -25.74 9.72 4.58
CA GLN A 154 -25.01 8.89 5.53
C GLN A 154 -23.51 9.08 5.36
N TRP A 155 -23.03 9.08 4.11
CA TRP A 155 -21.61 9.29 3.86
C TRP A 155 -21.20 10.70 4.23
N ARG A 156 -22.03 11.70 3.92
CA ARG A 156 -21.73 13.06 4.32
C ARG A 156 -21.70 13.19 5.84
N ALA A 157 -22.59 12.46 6.53
CA ALA A 157 -22.58 12.48 7.99
C ALA A 157 -21.34 11.81 8.55
N TYR A 158 -20.94 10.66 7.99
CA TYR A 158 -19.77 9.95 8.48
C TYR A 158 -18.50 10.75 8.20
N LEU A 159 -18.34 11.24 6.98
CA LEU A 159 -17.10 11.87 6.58
C LEU A 159 -16.89 13.20 7.29
N GLU A 160 -17.93 14.03 7.37
CA GLU A 160 -17.81 15.34 7.99
C GLU A 160 -17.82 15.29 9.51
N GLY A 161 -18.29 14.19 10.09
CA GLY A 161 -18.37 14.09 11.53
C GLY A 161 -17.58 12.94 12.13
N THR A 162 -18.10 11.71 11.97
CA THR A 162 -17.48 10.55 12.58
C THR A 162 -16.02 10.37 12.15
N CYS A 163 -15.76 10.53 10.85
CA CYS A 163 -14.42 10.29 10.34
C CYS A 163 -13.41 11.26 10.96
N VAL A 164 -13.75 12.54 11.02
CA VAL A 164 -12.80 13.52 11.53
C VAL A 164 -12.69 13.43 13.05
N GLU A 165 -13.79 13.12 13.73
CA GLU A 165 -13.75 13.04 15.19
C GLU A 165 -12.81 11.94 15.65
N TRP A 166 -12.89 10.77 15.01
CA TRP A 166 -12.03 9.67 15.41
C TRP A 166 -10.62 9.81 14.84
N LEU A 167 -10.47 10.44 13.68
CA LEU A 167 -9.13 10.75 13.18
C LEU A 167 -8.41 11.67 14.16
N ARG A 168 -9.10 12.70 14.65
CA ARG A 168 -8.49 13.59 15.64
C ARG A 168 -8.15 12.84 16.92
N ARG A 169 -9.02 11.91 17.34
CA ARG A 169 -8.72 11.12 18.53
C ARG A 169 -7.52 10.21 18.30
N TYR A 170 -7.46 9.56 17.14
CA TYR A 170 -6.32 8.69 16.84
C TYR A 170 -5.01 9.48 16.82
N LEU A 171 -5.03 10.66 16.19
CA LEU A 171 -3.82 11.48 16.13
C LEU A 171 -3.38 11.92 17.52
N GLU A 172 -4.32 12.08 18.45
CA GLU A 172 -3.95 12.47 19.81
C GLU A 172 -3.39 11.30 20.59
N ASN A 173 -4.00 10.13 20.48
CA ASN A 173 -3.50 8.94 21.18
C ASN A 173 -2.10 8.57 20.70
N GLY A 174 -1.87 8.62 19.39
CA GLY A 174 -0.57 8.29 18.85
C GLY A 174 0.23 9.53 18.48
N LYS A 175 0.11 10.59 19.29
CA LYS A 175 0.82 11.83 19.01
C LYS A 175 2.32 11.61 18.86
N GLU A 176 2.90 10.71 19.67
CA GLU A 176 4.36 10.55 19.71
C GLU A 176 4.90 9.84 18.47
N THR A 177 4.04 9.19 17.69
CA THR A 177 4.47 8.55 16.45
C THR A 177 3.78 9.11 15.21
N LEU A 178 2.54 9.56 15.33
CA LEU A 178 1.77 9.98 14.17
C LEU A 178 2.02 11.42 13.78
N GLN A 179 2.52 12.25 14.70
CA GLN A 179 2.64 13.69 14.44
C GLN A 179 4.07 14.18 14.51
N ARG A 180 5.05 13.30 14.41
CA ARG A 180 6.45 13.72 14.31
C ARG A 180 7.00 13.06 13.06
N ALA A 181 7.48 13.86 12.13
CA ALA A 181 8.05 13.26 10.94
C ALA A 181 9.44 12.75 11.26
N GLU A 182 9.81 11.64 10.64
CA GLU A 182 11.15 11.10 10.74
C GLU A 182 11.87 11.45 9.44
N HIS A 183 12.89 12.30 9.55
CA HIS A 183 13.62 12.72 8.36
C HIS A 183 14.37 11.54 7.76
N PRO A 184 14.58 11.56 6.44
CA PRO A 184 15.32 10.46 5.80
C PRO A 184 16.81 10.55 6.10
N LYS A 185 17.39 9.42 6.50
CA LYS A 185 18.84 9.29 6.53
C LYS A 185 19.34 9.03 5.12
N THR A 186 20.23 9.89 4.62
CA THR A 186 20.56 9.90 3.21
C THR A 186 22.06 9.75 3.00
N HIS A 187 22.42 9.18 1.85
CA HIS A 187 23.80 9.07 1.40
C HIS A 187 23.79 8.67 -0.08
N VAL A 188 24.95 8.86 -0.71
CA VAL A 188 25.12 8.56 -2.13
C VAL A 188 26.14 7.44 -2.27
N THR A 189 25.78 6.41 -3.04
CA THR A 189 26.68 5.31 -3.34
C THR A 189 27.15 5.41 -4.78
N HIS A 190 28.27 4.74 -5.07
CA HIS A 190 28.96 4.88 -6.35
C HIS A 190 29.34 3.50 -6.85
N HIS A 191 28.85 3.14 -8.03
CA HIS A 191 29.11 1.82 -8.61
C HIS A 191 29.56 1.98 -10.06
N PRO A 192 30.83 1.70 -10.36
CA PRO A 192 31.28 1.77 -11.76
C PRO A 192 30.54 0.75 -12.62
N VAL A 193 30.10 1.18 -13.79
CA VAL A 193 29.46 0.31 -14.77
C VAL A 193 30.42 -0.13 -15.85
N SER A 194 31.23 0.81 -16.35
CA SER A 194 32.32 0.51 -17.27
C SER A 194 33.53 1.33 -16.81
N ASP A 195 34.56 1.37 -17.66
CA ASP A 195 35.69 2.27 -17.43
C ASP A 195 35.37 3.69 -17.85
N HIS A 196 34.17 3.95 -18.34
CA HIS A 196 33.77 5.29 -18.77
C HIS A 196 32.47 5.76 -18.15
N GLU A 197 31.72 4.89 -17.47
CA GLU A 197 30.46 5.25 -16.85
C GLU A 197 30.40 4.68 -15.44
N ALA A 198 29.52 5.27 -14.62
CA ALA A 198 29.35 4.83 -13.25
C ALA A 198 27.97 5.25 -12.76
N THR A 199 27.37 4.42 -11.93
CA THR A 199 26.05 4.69 -11.37
C THR A 199 26.19 5.43 -10.04
N LEU A 200 25.46 6.52 -9.89
CA LEU A 200 25.30 7.23 -8.62
C LEU A 200 23.91 6.94 -8.10
N ARG A 201 23.82 6.31 -6.94
CA ARG A 201 22.54 5.98 -6.31
C ARG A 201 22.37 6.83 -5.06
N CYS A 202 21.28 7.58 -5.01
CA CYS A 202 20.97 8.43 -3.87
C CYS A 202 19.95 7.73 -2.99
N TRP A 203 20.32 7.49 -1.74
CA TRP A 203 19.50 6.72 -0.81
C TRP A 203 18.76 7.63 0.17
N ALA A 204 17.54 7.25 0.51
CA ALA A 204 16.78 7.84 1.59
C ALA A 204 16.16 6.71 2.39
N LEU A 205 16.50 6.62 3.67
CA LEU A 205 16.15 5.46 4.49
C LEU A 205 15.49 5.91 5.79
N GLY A 206 14.64 5.02 6.31
CA GLY A 206 14.03 5.21 7.61
C GLY A 206 13.25 6.48 7.80
N PHE A 207 12.51 6.92 6.78
CA PHE A 207 11.74 8.16 6.86
C PHE A 207 10.26 7.86 7.00
N TYR A 208 9.55 8.80 7.65
CA TYR A 208 8.12 8.77 7.81
C TYR A 208 7.65 10.23 7.83
N PRO A 209 6.55 10.56 7.13
CA PRO A 209 5.70 9.68 6.33
C PRO A 209 6.34 9.27 4.99
N ALA A 210 5.55 8.59 4.15
CA ALA A 210 6.12 8.00 2.94
C ALA A 210 6.35 9.02 1.84
N GLU A 211 5.59 10.12 1.82
CA GLU A 211 5.73 11.11 0.77
C GLU A 211 7.14 11.70 0.77
N ILE A 212 7.80 11.65 -0.39
CA ILE A 212 9.17 12.11 -0.53
C ILE A 212 9.42 12.40 -2.00
N THR A 213 10.44 13.22 -2.28
CA THR A 213 10.85 13.53 -3.65
C THR A 213 12.35 13.41 -3.73
N LEU A 214 12.83 12.53 -4.60
CA LEU A 214 14.25 12.32 -4.84
C LEU A 214 14.55 12.65 -6.29
N THR A 215 15.41 13.65 -6.52
CA THR A 215 15.76 14.07 -7.86
C THR A 215 17.26 14.21 -8.00
N TRP A 216 17.78 13.75 -9.14
CA TRP A 216 19.17 13.97 -9.53
C TRP A 216 19.24 15.16 -10.47
N GLN A 217 20.23 16.03 -10.25
CA GLN A 217 20.49 17.17 -11.12
C GLN A 217 21.92 17.09 -11.64
N ARG A 218 22.11 17.53 -12.89
CA ARG A 218 23.44 17.68 -13.46
C ARG A 218 23.63 19.14 -13.82
N ASP A 219 24.65 19.76 -13.24
CA ASP A 219 24.86 21.21 -13.34
C ASP A 219 23.58 21.96 -12.95
N GLY A 220 22.86 21.39 -11.99
CA GLY A 220 21.69 22.04 -11.43
C GLY A 220 20.42 21.97 -12.24
N GLU A 221 20.33 21.03 -13.19
CA GLU A 221 19.11 20.88 -13.98
C GLU A 221 18.65 19.43 -13.94
N ASP A 222 17.33 19.25 -13.92
CA ASP A 222 16.74 17.95 -13.62
C ASP A 222 17.12 16.90 -14.65
N GLN A 223 17.34 15.68 -14.17
CA GLN A 223 17.63 14.51 -15.02
C GLN A 223 16.50 13.50 -14.95
N THR A 224 15.25 13.98 -14.99
CA THR A 224 14.10 13.09 -14.83
C THR A 224 14.04 12.03 -15.93
N GLN A 225 14.50 12.37 -17.14
CA GLN A 225 14.47 11.41 -18.25
C GLN A 225 15.52 10.32 -18.07
N ASP A 226 16.60 10.61 -17.34
CA ASP A 226 17.71 9.67 -17.17
C ASP A 226 17.76 9.04 -15.79
N THR A 227 16.82 9.36 -14.90
CA THR A 227 16.85 8.90 -13.52
C THR A 227 16.03 7.62 -13.38
N GLU A 228 16.62 6.61 -12.75
CA GLU A 228 15.87 5.42 -12.35
C GLU A 228 15.34 5.63 -10.94
N LEU A 229 14.01 5.62 -10.81
CA LEU A 229 13.32 5.91 -9.55
C LEU A 229 12.54 4.68 -9.15
N VAL A 230 12.99 3.99 -8.09
CA VAL A 230 12.24 2.85 -7.58
C VAL A 230 11.09 3.36 -6.71
N GLU A 231 10.04 2.56 -6.65
CA GLU A 231 8.89 2.92 -5.82
C GLU A 231 9.27 2.98 -4.36
N THR A 232 8.68 3.93 -3.64
CA THR A 232 8.87 4.00 -2.19
C THR A 232 8.38 2.71 -1.56
N ARG A 233 9.24 2.08 -0.76
CA ARG A 233 8.96 0.77 -0.21
C ARG A 233 8.99 0.80 1.31
N PRO A 234 8.20 -0.05 1.97
CA PRO A 234 8.22 -0.10 3.44
C PRO A 234 9.46 -0.83 3.93
N ALA A 235 10.01 -0.33 5.04
CA ALA A 235 11.13 -1.02 5.67
C ALA A 235 10.68 -2.20 6.51
N GLY A 236 9.41 -2.26 6.90
CA GLY A 236 8.90 -3.26 7.80
C GLY A 236 8.79 -2.81 9.23
N ASP A 237 9.36 -1.65 9.57
CA ASP A 237 9.30 -1.10 10.92
C ASP A 237 8.45 0.17 10.99
N GLY A 238 7.61 0.40 9.98
CA GLY A 238 6.81 1.60 9.91
C GLY A 238 7.45 2.75 9.16
N THR A 239 8.75 2.67 8.86
CA THR A 239 9.44 3.66 8.06
C THR A 239 9.59 3.15 6.63
N PHE A 240 10.04 4.04 5.75
CA PHE A 240 10.08 3.75 4.32
C PHE A 240 11.47 4.02 3.76
N GLN A 241 11.69 3.53 2.54
CA GLN A 241 12.95 3.68 1.83
C GLN A 241 12.67 4.03 0.38
N LYS A 242 13.65 4.67 -0.25
CA LYS A 242 13.58 5.00 -1.67
C LYS A 242 14.99 5.29 -2.16
N TRP A 243 15.23 5.07 -3.45
CA TRP A 243 16.48 5.52 -4.04
C TRP A 243 16.25 5.93 -5.49
N ALA A 244 17.16 6.81 -5.96
CA ALA A 244 17.19 7.28 -7.33
C ALA A 244 18.61 7.15 -7.84
N ALA A 245 18.75 6.79 -9.12
CA ALA A 245 20.06 6.52 -9.68
C ALA A 245 20.20 7.14 -11.07
N VAL A 246 21.42 7.54 -11.40
CA VAL A 246 21.78 7.99 -12.73
C VAL A 246 23.13 7.37 -13.08
N VAL A 247 23.36 7.14 -14.36
CA VAL A 247 24.64 6.66 -14.87
C VAL A 247 25.39 7.86 -15.41
N VAL A 248 26.60 8.08 -14.90
CA VAL A 248 27.33 9.32 -15.18
C VAL A 248 28.65 8.99 -15.85
N PRO A 249 29.18 9.90 -16.68
CA PRO A 249 30.56 9.73 -17.16
C PRO A 249 31.53 9.76 -15.99
N SER A 250 32.34 8.71 -15.89
CA SER A 250 33.33 8.65 -14.81
C SER A 250 34.26 9.85 -14.89
N GLY A 251 34.53 10.45 -13.74
CA GLY A 251 35.36 11.63 -13.66
C GLY A 251 34.60 12.93 -13.51
N GLU A 252 33.30 12.94 -13.83
CA GLU A 252 32.44 14.09 -13.61
C GLU A 252 31.26 13.71 -12.72
N GLU A 253 31.54 12.95 -11.66
CA GLU A 253 30.52 12.66 -10.66
C GLU A 253 30.05 13.93 -9.97
N GLN A 254 30.98 14.85 -9.68
CA GLN A 254 30.66 16.04 -8.90
C GLN A 254 29.72 16.99 -9.61
N ARG A 255 29.49 16.81 -10.91
CA ARG A 255 28.49 17.61 -11.61
C ARG A 255 27.07 17.24 -11.20
N TYR A 256 26.89 16.19 -10.40
CA TYR A 256 25.57 15.66 -10.08
C TYR A 256 25.24 15.91 -8.62
N THR A 257 24.03 16.41 -8.37
CA THR A 257 23.52 16.65 -7.03
C THR A 257 22.23 15.89 -6.84
N CYS A 258 22.07 15.28 -5.67
CA CYS A 258 20.81 14.66 -5.29
C CYS A 258 20.05 15.59 -4.36
N HIS A 259 18.78 15.83 -4.67
CA HIS A 259 17.94 16.74 -3.90
C HIS A 259 16.76 15.95 -3.36
N VAL A 260 16.60 15.95 -2.04
CA VAL A 260 15.55 15.21 -1.36
C VAL A 260 14.67 16.19 -0.60
N GLN A 261 13.36 16.13 -0.86
CA GLN A 261 12.37 16.91 -0.14
C GLN A 261 11.56 15.97 0.76
N HIS A 262 11.35 16.38 2.00
CA HIS A 262 10.61 15.55 2.94
C HIS A 262 10.07 16.42 4.07
N GLU A 263 8.95 15.98 4.63
CA GLU A 263 8.33 16.70 5.74
C GLU A 263 9.27 16.85 6.93
N GLY A 264 10.05 15.81 7.22
CA GLY A 264 10.96 15.79 8.34
C GLY A 264 12.22 16.63 8.15
N LEU A 265 12.38 17.26 6.99
CA LEU A 265 13.53 18.13 6.75
C LEU A 265 13.08 19.58 6.74
N PRO A 266 13.69 20.45 7.55
CA PRO A 266 13.32 21.87 7.52
C PRO A 266 13.68 22.56 6.22
N GLU A 267 14.62 22.02 5.44
CA GLU A 267 14.96 22.56 4.14
C GLU A 267 15.35 21.38 3.25
N PRO A 268 15.18 21.51 1.94
CA PRO A 268 15.61 20.42 1.04
C PRO A 268 17.12 20.19 1.15
N LEU A 269 17.49 18.92 1.19
CA LEU A 269 18.90 18.57 1.25
C LEU A 269 19.50 18.51 -0.15
N THR A 270 20.81 18.71 -0.22
CA THR A 270 21.57 18.59 -1.46
C THR A 270 22.80 17.76 -1.17
N LEU A 271 22.89 16.58 -1.78
CA LEU A 271 23.98 15.65 -1.53
C LEU A 271 24.79 15.43 -2.80
N ARG A 272 26.07 15.18 -2.62
CA ARG A 272 26.96 14.71 -3.67
C ARG A 272 27.66 13.46 -3.16
N TRP A 273 28.18 12.67 -4.10
CA TRP A 273 28.97 11.50 -3.72
C TRP A 273 30.25 11.96 -3.04
N GLU A 274 30.57 11.33 -1.90
CA GLU A 274 31.70 11.72 -1.06
C GLU A 274 32.70 10.58 -0.98
N PRO A 275 33.69 10.54 -1.89
CA PRO A 275 34.75 9.53 -1.79
C PRO A 275 35.60 9.73 -0.54
N ILE B 2 -8.87 -6.10 -16.02
CA ILE B 2 -7.53 -5.52 -16.02
C ILE B 2 -6.58 -6.48 -15.33
N GLN B 3 -5.42 -6.73 -15.95
CA GLN B 3 -4.39 -7.58 -15.38
C GLN B 3 -3.09 -6.79 -15.35
N ARG B 4 -2.55 -6.58 -14.16
CA ARG B 4 -1.29 -5.87 -13.98
C ARG B 4 -0.26 -6.82 -13.39
N THR B 5 0.89 -6.90 -14.02
CA THR B 5 1.92 -7.80 -13.50
C THR B 5 2.64 -7.15 -12.32
N PRO B 6 3.05 -7.96 -11.34
CA PRO B 6 3.64 -7.38 -10.13
C PRO B 6 5.03 -6.80 -10.38
N LYS B 7 5.30 -5.66 -9.75
CA LYS B 7 6.65 -5.17 -9.58
C LYS B 7 7.23 -5.76 -8.31
N ILE B 8 8.53 -6.07 -8.34
CA ILE B 8 9.18 -6.82 -7.28
C ILE B 8 10.45 -6.10 -6.85
N GLN B 9 10.60 -5.89 -5.54
CA GLN B 9 11.82 -5.37 -4.95
C GLN B 9 12.23 -6.26 -3.79
N VAL B 10 13.48 -6.70 -3.80
CA VAL B 10 14.05 -7.51 -2.73
C VAL B 10 15.14 -6.68 -2.04
N TYR B 11 15.09 -6.61 -0.73
CA TYR B 11 15.97 -5.71 0.02
C TYR B 11 15.90 -6.08 1.49
N SER B 12 16.80 -5.47 2.26
CA SER B 12 16.86 -5.66 3.70
C SER B 12 16.32 -4.43 4.42
N ARG B 13 15.83 -4.63 5.64
CA ARG B 13 15.31 -3.52 6.43
C ARG B 13 16.41 -2.53 6.78
N HIS B 14 17.56 -3.04 7.21
CA HIS B 14 18.73 -2.25 7.53
C HIS B 14 19.87 -2.62 6.59
N PRO B 15 20.87 -1.75 6.44
CA PRO B 15 22.01 -2.09 5.58
C PRO B 15 22.64 -3.42 5.98
N ALA B 16 22.95 -4.24 4.97
CA ALA B 16 23.38 -5.61 5.20
C ALA B 16 24.73 -5.64 5.89
N GLU B 17 24.75 -6.14 7.12
CA GLU B 17 25.97 -6.40 7.87
C GLU B 17 26.12 -7.90 8.02
N ASN B 18 27.22 -8.45 7.48
CA ASN B 18 27.45 -9.88 7.55
C ASN B 18 27.56 -10.33 9.00
N GLY B 19 26.70 -11.29 9.38
CA GLY B 19 26.75 -11.86 10.70
C GLY B 19 25.82 -11.23 11.71
N LYS B 20 25.13 -10.14 11.36
CA LYS B 20 24.21 -9.47 12.26
C LYS B 20 22.78 -9.64 11.78
N SER B 21 21.87 -9.86 12.73
CA SER B 21 20.47 -10.11 12.40
C SER B 21 19.87 -8.93 11.64
N ASN B 22 18.96 -9.23 10.74
CA ASN B 22 18.31 -8.25 9.88
C ASN B 22 16.95 -8.80 9.46
N PHE B 23 16.29 -8.12 8.54
CA PHE B 23 15.02 -8.56 7.98
C PHE B 23 15.12 -8.57 6.46
N LEU B 24 14.76 -9.70 5.86
CA LEU B 24 14.72 -9.82 4.40
C LEU B 24 13.32 -9.49 3.90
N ASN B 25 13.24 -8.50 3.02
CA ASN B 25 11.97 -8.01 2.51
C ASN B 25 11.81 -8.35 1.03
N CYS B 26 10.58 -8.63 0.64
CA CYS B 26 10.21 -8.71 -0.78
C CYS B 26 8.90 -7.96 -0.94
N TYR B 27 8.96 -6.79 -1.57
CA TYR B 27 7.80 -5.92 -1.74
C TYR B 27 7.25 -6.10 -3.15
N VAL B 28 6.04 -6.66 -3.24
CA VAL B 28 5.33 -6.81 -4.50
C VAL B 28 4.22 -5.78 -4.55
N SER B 29 4.13 -5.06 -5.67
CA SER B 29 3.18 -3.97 -5.78
C SER B 29 2.73 -3.82 -7.22
N GLY B 30 1.71 -2.99 -7.42
CA GLY B 30 1.24 -2.68 -8.75
C GLY B 30 0.61 -3.82 -9.52
N PHE B 31 0.11 -4.85 -8.82
CA PHE B 31 -0.46 -6.00 -9.51
C PHE B 31 -1.98 -6.07 -9.31
N HIS B 32 -2.61 -6.82 -10.22
CA HIS B 32 -4.06 -7.05 -10.25
C HIS B 32 -4.31 -8.27 -11.13
N PRO B 33 -5.14 -9.23 -10.69
CA PRO B 33 -5.89 -9.25 -9.42
C PRO B 33 -5.01 -9.56 -8.20
N SER B 34 -5.65 -9.74 -7.05
CA SER B 34 -4.92 -9.76 -5.78
C SER B 34 -4.26 -11.10 -5.51
N ASP B 35 -4.79 -12.19 -6.08
CA ASP B 35 -4.20 -13.51 -5.87
C ASP B 35 -2.75 -13.52 -6.35
N ILE B 36 -1.84 -13.88 -5.45
CA ILE B 36 -0.41 -13.90 -5.75
C ILE B 36 0.27 -14.86 -4.77
N GLU B 37 1.30 -15.53 -5.25
CA GLU B 37 2.14 -16.38 -4.41
C GLU B 37 3.54 -15.79 -4.35
N VAL B 38 4.02 -15.56 -3.12
CA VAL B 38 5.33 -14.99 -2.88
C VAL B 38 6.08 -15.88 -1.92
N ASP B 39 7.30 -16.26 -2.30
CA ASP B 39 8.18 -17.04 -1.44
C ASP B 39 9.54 -16.36 -1.34
N LEU B 40 10.14 -16.45 -0.17
CA LEU B 40 11.52 -16.03 0.01
C LEU B 40 12.40 -17.27 -0.05
N LEU B 41 13.51 -17.17 -0.78
CA LEU B 41 14.40 -18.30 -1.00
C LEU B 41 15.75 -18.04 -0.36
N LYS B 42 16.30 -19.07 0.27
CA LYS B 42 17.68 -19.07 0.73
C LYS B 42 18.43 -20.14 -0.05
N ASN B 43 19.40 -19.70 -0.86
CA ASN B 43 20.17 -20.60 -1.71
C ASN B 43 19.27 -21.46 -2.58
N GLY B 44 18.21 -20.85 -3.10
CA GLY B 44 17.27 -21.54 -3.98
C GLY B 44 16.20 -22.34 -3.27
N GLU B 45 16.16 -22.35 -1.95
CA GLU B 45 15.22 -23.17 -1.20
C GLU B 45 14.24 -22.28 -0.44
N ARG B 46 12.97 -22.68 -0.44
CA ARG B 46 11.91 -21.91 0.19
C ARG B 46 12.14 -21.78 1.69
N ILE B 47 12.11 -20.55 2.19
CA ILE B 47 12.18 -20.30 3.62
C ILE B 47 10.78 -20.48 4.21
N GLU B 48 10.69 -21.27 5.28
CA GLU B 48 9.39 -21.69 5.80
C GLU B 48 8.69 -20.56 6.55
N LYS B 49 9.38 -19.93 7.51
CA LYS B 49 8.78 -18.92 8.37
C LYS B 49 8.88 -17.57 7.67
N VAL B 50 7.84 -17.22 6.92
CA VAL B 50 7.75 -15.94 6.23
C VAL B 50 6.39 -15.32 6.53
N GLU B 51 6.40 -14.08 6.98
CA GLU B 51 5.18 -13.33 7.26
C GLU B 51 4.92 -12.32 6.14
N HIS B 52 3.72 -11.77 6.12
CA HIS B 52 3.38 -10.78 5.11
C HIS B 52 2.36 -9.79 5.67
N SER B 53 2.35 -8.59 5.09
CA SER B 53 1.44 -7.55 5.51
C SER B 53 0.02 -7.88 5.08
N ASP B 54 -0.92 -7.02 5.45
CA ASP B 54 -2.31 -7.19 5.08
C ASP B 54 -2.56 -6.56 3.71
N LEU B 55 -3.37 -7.24 2.90
CA LEU B 55 -3.65 -6.81 1.53
C LEU B 55 -4.17 -5.39 1.50
N SER B 56 -3.47 -4.53 0.76
CA SER B 56 -3.88 -3.14 0.55
C SER B 56 -3.62 -2.78 -0.91
N PHE B 57 -4.05 -1.59 -1.32
CA PHE B 57 -3.88 -1.19 -2.70
C PHE B 57 -3.62 0.31 -2.77
N SER B 58 -3.14 0.74 -3.94
CA SER B 58 -2.76 2.12 -4.18
C SER B 58 -3.87 2.87 -4.90
N LYS B 59 -3.60 4.13 -5.25
CA LYS B 59 -4.62 5.00 -5.83
C LYS B 59 -5.15 4.45 -7.16
N ASP B 60 -4.29 3.80 -7.94
CA ASP B 60 -4.72 3.23 -9.21
C ASP B 60 -5.36 1.85 -9.05
N TRP B 61 -5.66 1.43 -7.83
CA TRP B 61 -6.34 0.20 -7.42
C TRP B 61 -5.43 -1.02 -7.44
N SER B 62 -4.18 -0.90 -7.90
CA SER B 62 -3.29 -2.05 -7.89
C SER B 62 -2.81 -2.36 -6.48
N PHE B 63 -2.63 -3.65 -6.20
CA PHE B 63 -2.36 -4.14 -4.86
C PHE B 63 -0.87 -4.10 -4.53
N TYR B 64 -0.58 -4.14 -3.23
CA TYR B 64 0.80 -4.26 -2.78
C TYR B 64 0.85 -5.10 -1.50
N LEU B 65 1.95 -5.83 -1.34
CA LEU B 65 2.17 -6.70 -0.19
C LEU B 65 3.65 -6.70 0.15
N LEU B 66 3.95 -6.74 1.45
CA LEU B 66 5.33 -6.89 1.92
C LEU B 66 5.48 -8.25 2.58
N TYR B 67 6.36 -9.08 2.02
CA TYR B 67 6.72 -10.35 2.63
C TYR B 67 8.09 -10.21 3.28
N TYR B 68 8.21 -10.72 4.51
CA TYR B 68 9.43 -10.50 5.27
C TYR B 68 9.69 -11.68 6.20
N THR B 69 10.97 -11.89 6.49
CA THR B 69 11.40 -12.86 7.48
C THR B 69 12.72 -12.40 8.08
N GLU B 70 12.98 -12.83 9.30
CA GLU B 70 14.26 -12.54 9.94
C GLU B 70 15.35 -13.41 9.33
N PHE B 71 16.50 -12.79 9.02
CA PHE B 71 17.61 -13.54 8.46
C PHE B 71 18.91 -12.89 8.92
N THR B 72 19.98 -13.69 8.89
CA THR B 72 21.33 -13.22 9.20
C THR B 72 22.19 -13.38 7.96
N PRO B 73 22.41 -12.32 7.20
CA PRO B 73 23.15 -12.46 5.94
C PRO B 73 24.60 -12.83 6.17
N THR B 74 25.15 -13.53 5.19
CA THR B 74 26.57 -13.89 5.14
C THR B 74 27.11 -13.51 3.76
N GLU B 75 28.41 -13.70 3.57
CA GLU B 75 29.02 -13.39 2.28
C GLU B 75 28.73 -14.46 1.23
N LYS B 76 28.42 -15.68 1.64
CA LYS B 76 28.19 -16.78 0.70
C LYS B 76 26.71 -17.03 0.43
N ASP B 77 25.84 -16.80 1.40
CA ASP B 77 24.43 -17.11 1.23
C ASP B 77 23.77 -16.22 0.18
N GLU B 78 23.00 -16.83 -0.70
CA GLU B 78 22.21 -16.12 -1.70
C GLU B 78 20.74 -16.14 -1.29
N TYR B 79 20.07 -15.02 -1.51
CA TYR B 79 18.64 -14.88 -1.21
C TYR B 79 17.91 -14.33 -2.42
N ALA B 80 16.63 -14.67 -2.51
CA ALA B 80 15.81 -14.25 -3.64
C ALA B 80 14.35 -14.27 -3.21
N CYS B 81 13.51 -13.69 -4.07
CA CYS B 81 12.08 -13.69 -3.86
C CYS B 81 11.42 -14.28 -5.10
N ARG B 82 10.58 -15.29 -4.89
CA ARG B 82 9.92 -16.01 -5.98
C ARG B 82 8.45 -15.62 -6.01
N VAL B 83 7.99 -15.13 -7.17
CA VAL B 83 6.66 -14.58 -7.30
C VAL B 83 5.95 -15.25 -8.46
N ASN B 84 4.74 -15.74 -8.22
CA ASN B 84 3.87 -16.25 -9.27
C ASN B 84 2.56 -15.48 -9.27
N HIS B 85 2.04 -15.23 -10.46
CA HIS B 85 0.85 -14.42 -10.64
C HIS B 85 0.21 -14.83 -11.96
N VAL B 86 -1.10 -14.57 -12.08
CA VAL B 86 -1.82 -14.97 -13.29
C VAL B 86 -1.20 -14.34 -14.53
N THR B 87 -0.56 -13.18 -14.38
CA THR B 87 0.12 -12.53 -15.49
C THR B 87 1.46 -13.15 -15.84
N LEU B 88 1.94 -14.11 -15.05
CA LEU B 88 3.23 -14.75 -15.27
C LEU B 88 3.01 -16.20 -15.66
N SER B 89 3.67 -16.63 -16.74
CA SER B 89 3.55 -18.01 -17.19
C SER B 89 4.29 -18.97 -16.27
N GLN B 90 5.39 -18.52 -15.67
CA GLN B 90 6.16 -19.28 -14.69
C GLN B 90 6.57 -18.34 -13.58
N PRO B 91 6.89 -18.87 -12.40
CA PRO B 91 7.33 -18.01 -11.30
C PRO B 91 8.56 -17.20 -11.68
N LYS B 92 8.56 -15.94 -11.27
CA LYS B 92 9.69 -15.03 -11.49
C LYS B 92 10.52 -14.95 -10.22
N ILE B 93 11.83 -15.08 -10.36
CA ILE B 93 12.76 -15.10 -9.24
C ILE B 93 13.65 -13.86 -9.35
N VAL B 94 13.62 -13.02 -8.33
CA VAL B 94 14.43 -11.81 -8.26
C VAL B 94 15.43 -12.00 -7.12
N LYS B 95 16.71 -12.06 -7.46
CA LYS B 95 17.75 -12.27 -6.47
C LYS B 95 17.98 -11.02 -5.65
N TRP B 96 18.33 -11.22 -4.37
CA TRP B 96 18.63 -10.09 -3.50
C TRP B 96 19.99 -9.49 -3.85
N ASP B 97 20.04 -8.15 -3.88
CA ASP B 97 21.27 -7.43 -4.13
C ASP B 97 21.54 -6.51 -2.95
N ARG B 98 22.77 -6.55 -2.44
CA ARG B 98 23.13 -5.76 -1.28
C ARG B 98 22.95 -4.27 -1.53
N ASP B 99 23.11 -3.82 -2.77
CA ASP B 99 23.17 -2.41 -3.11
C ASP B 99 21.90 -1.90 -3.77
N MET B 100 20.79 -2.63 -3.64
CA MET B 100 19.52 -2.20 -4.23
C MET B 100 18.36 -2.39 -3.27
N ILE C 1 -12.94 5.00 13.02
CA ILE C 1 -13.76 3.80 13.06
C ILE C 1 -14.40 3.55 11.70
N LEU C 2 -15.01 2.38 11.56
CA LEU C 2 -15.59 1.96 10.28
C LEU C 2 -16.89 2.69 10.01
N LYS C 3 -17.12 3.02 8.73
CA LYS C 3 -18.42 3.49 8.31
C LYS C 3 -19.45 2.40 8.52
N GLU C 4 -20.59 2.77 9.10
CA GLU C 4 -21.63 1.80 9.37
C GLU C 4 -22.20 1.26 8.06
N PRO C 5 -22.23 -0.06 7.87
CA PRO C 5 -22.91 -0.61 6.69
C PRO C 5 -24.43 -0.49 6.87
N VAL C 6 -25.06 0.36 6.08
CA VAL C 6 -26.50 0.58 6.21
C VAL C 6 -27.23 -0.46 5.37
N HIS C 7 -28.45 -0.78 5.79
CA HIS C 7 -29.24 -1.81 5.13
C HIS C 7 -29.56 -1.43 3.68
N GLY C 8 -29.48 -2.41 2.79
CA GLY C 8 -29.83 -2.22 1.40
C GLY C 8 -28.82 -1.47 0.57
N ALA C 9 -27.68 -1.09 1.14
CA ALA C 9 -26.66 -0.32 0.43
C ALA C 9 -25.73 -1.30 -0.30
N TYR C 10 -26.28 -2.31 -0.97
CA TYR C 10 -25.50 -3.13 -1.87
C TYR C 10 -25.19 -2.38 -3.17
N TYR C 11 -24.20 -2.90 -3.86
CA TYR C 11 -23.94 -2.36 -5.20
C TYR C 11 -25.08 -2.89 -6.08
#